data_8F10
#
_entry.id   8F10
#
_cell.length_a   28.150
_cell.length_b   39.920
_cell.length_c   42.360
_cell.angle_alpha   90.000
_cell.angle_beta   95.440
_cell.angle_gamma   90.000
#
_symmetry.space_group_name_H-M   'P 1 21 1'
#
loop_
_entity.id
_entity.type
_entity.pdbx_description
1 polymer 'E3 ubiquitin-protein ligase Mdm2'
2 polymer H102
3 non-polymer 1,2-ETHANEDIOL
4 non-polymer 'CHLORIDE ION'
5 non-polymer GLYCEROL
6 non-polymer "N,N'-(1,4-phenylene)diacetamide"
7 non-polymer IMIDAZOLE
8 water water
#
loop_
_entity_poly.entity_id
_entity_poly.type
_entity_poly.pdbx_seq_one_letter_code
_entity_poly.pdbx_strand_id
1 'polypeptide(L)'
;SQIPASEQETLVRPKPLLLKLLKSVGAQKDTYTMKEVLFYLGQYIMTKRLYDEKQQHIVYCSNDLLGDLFGVPSFSVKEH
RKIYTMIYRNLVVVN
;
A
2 'polypeptide(D)'
;(ACE)(DAS)(DPR)(DAL)(DTR)(DSG)(DHI)(DCY)(DGL)(DTY)(DAL)(DAL)(DPN)(DVA)(DCY)(DSN)
(DGL)(DVA)(NH2)
;
B
#
# COMPACT_ATOMS: atom_id res chain seq x y z
N GLU A 9 -2.24 -20.17 -0.97
CA GLU A 9 -1.77 -18.82 -1.30
C GLU A 9 -2.89 -17.92 -1.79
N THR A 10 -3.19 -16.88 -1.01
CA THR A 10 -4.37 -16.06 -1.23
C THR A 10 -4.13 -15.08 -2.36
N LEU A 11 -5.05 -15.06 -3.30
CA LEU A 11 -5.00 -14.16 -4.44
C LEU A 11 -6.02 -13.04 -4.26
N VAL A 12 -5.64 -11.84 -4.69
CA VAL A 12 -6.43 -10.64 -4.47
C VAL A 12 -6.43 -9.80 -5.73
N ARG A 13 -7.49 -9.03 -5.88
CA ARG A 13 -7.59 -8.05 -6.94
C ARG A 13 -7.78 -6.68 -6.32
N PRO A 14 -6.86 -5.75 -6.53
N PRO A 14 -6.91 -5.73 -6.63
CA PRO A 14 -7.01 -4.44 -5.90
CA PRO A 14 -7.01 -4.40 -6.03
C PRO A 14 -8.13 -3.60 -6.50
C PRO A 14 -8.23 -3.66 -6.53
N LYS A 15 -8.79 -2.85 -5.63
CA LYS A 15 -9.77 -1.84 -6.00
C LYS A 15 -9.04 -0.67 -6.65
N PRO A 16 -9.77 0.29 -7.21
CA PRO A 16 -9.09 1.22 -8.14
C PRO A 16 -7.98 2.06 -7.56
N LEU A 17 -8.16 2.64 -6.38
CA LEU A 17 -7.10 3.50 -5.85
C LEU A 17 -5.84 2.71 -5.56
N LEU A 18 -5.98 1.55 -4.96
CA LEU A 18 -4.80 0.69 -4.75
C LEU A 18 -4.20 0.25 -6.08
N LEU A 19 -5.04 -0.05 -7.07
CA LEU A 19 -4.47 -0.42 -8.36
C LEU A 19 -3.67 0.72 -8.97
N LYS A 20 -4.15 1.96 -8.78
CA LYS A 20 -3.38 3.12 -9.24
C LYS A 20 -2.04 3.20 -8.55
N LEU A 21 -1.99 2.97 -7.24
CA LEU A 21 -0.73 2.95 -6.53
C LEU A 21 0.19 1.89 -7.12
N LEU A 22 -0.33 0.69 -7.35
CA LEU A 22 0.52 -0.37 -7.89
C LEU A 22 1.03 0.01 -9.27
N LYS A 23 0.17 0.58 -10.11
CA LYS A 23 0.62 0.96 -11.45
C LYS A 23 1.74 1.98 -11.40
N SER A 24 1.72 2.86 -10.42
CA SER A 24 2.72 3.91 -10.36
C SER A 24 4.10 3.33 -10.10
N VAL A 25 4.20 2.11 -9.59
CA VAL A 25 5.48 1.44 -9.44
C VAL A 25 5.64 0.29 -10.42
N GLY A 26 4.89 0.31 -11.52
CA GLY A 26 5.02 -0.63 -12.61
C GLY A 26 4.30 -1.96 -12.45
N ALA A 27 3.52 -2.16 -11.41
CA ALA A 27 2.75 -3.38 -11.23
C ALA A 27 1.40 -3.20 -11.92
N GLN A 28 1.20 -3.94 -13.01
N GLN A 28 1.17 -3.97 -12.97
CA GLN A 28 0.11 -3.70 -13.93
CA GLN A 28 0.09 -3.70 -13.90
C GLN A 28 -0.88 -4.85 -14.00
C GLN A 28 -0.82 -4.89 -14.10
N LYS A 29 -0.59 -5.99 -13.40
CA LYS A 29 -1.46 -7.13 -13.56
C LYS A 29 -2.70 -6.93 -12.68
N ASP A 30 -3.66 -7.81 -12.89
CA ASP A 30 -4.98 -7.72 -12.29
C ASP A 30 -5.02 -8.37 -10.90
N THR A 31 -4.31 -9.49 -10.74
CA THR A 31 -4.36 -10.37 -9.57
C THR A 31 -2.96 -10.51 -8.97
N TYR A 32 -2.90 -10.47 -7.64
CA TYR A 32 -1.66 -10.46 -6.89
C TYR A 32 -1.78 -11.40 -5.72
N THR A 33 -0.65 -11.77 -5.15
CA THR A 33 -0.65 -12.28 -3.80
C THR A 33 -0.52 -11.13 -2.82
N MET A 34 -0.85 -11.36 -1.54
N MET A 34 -0.86 -11.41 -1.57
CA MET A 34 -0.65 -10.29 -0.57
CA MET A 34 -0.68 -10.44 -0.50
C MET A 34 0.83 -9.94 -0.42
C MET A 34 0.77 -10.01 -0.35
N LYS A 35 1.70 -10.95 -0.51
CA LYS A 35 3.12 -10.64 -0.45
C LYS A 35 3.45 -9.61 -1.51
N GLU A 36 2.92 -9.81 -2.73
CA GLU A 36 3.20 -8.88 -3.80
C GLU A 36 2.66 -7.49 -3.48
N VAL A 37 1.42 -7.40 -3.03
CA VAL A 37 0.85 -6.08 -2.70
C VAL A 37 1.73 -5.34 -1.70
N LEU A 38 2.09 -6.01 -0.61
CA LEU A 38 2.94 -5.35 0.40
C LEU A 38 4.33 -5.06 -0.13
N PHE A 39 4.87 -5.94 -0.96
CA PHE A 39 6.15 -5.65 -1.59
C PHE A 39 6.09 -4.36 -2.37
N TYR A 40 5.06 -4.19 -3.23
CA TYR A 40 4.93 -2.98 -4.04
C TYR A 40 4.63 -1.75 -3.18
N LEU A 41 3.88 -1.90 -2.08
CA LEU A 41 3.72 -0.79 -1.16
C LEU A 41 5.07 -0.34 -0.61
N GLY A 42 5.93 -1.30 -0.28
CA GLY A 42 7.26 -0.95 0.17
C GLY A 42 8.08 -0.27 -0.91
N GLN A 43 7.96 -0.74 -2.15
CA GLN A 43 8.69 -0.08 -3.22
C GLN A 43 8.20 1.35 -3.43
N TYR A 44 6.89 1.55 -3.29
CA TYR A 44 6.32 2.90 -3.39
C TYR A 44 6.89 3.82 -2.33
N ILE A 45 6.92 3.36 -1.07
CA ILE A 45 7.44 4.18 0.02
C ILE A 45 8.90 4.49 -0.22
N MET A 46 9.68 3.48 -0.63
N MET A 46 9.67 3.48 -0.65
CA MET A 46 11.11 3.67 -0.85
CA MET A 46 11.09 3.64 -0.85
C MET A 46 11.38 4.61 -2.00
C MET A 46 11.38 4.58 -2.01
N THR A 47 10.76 4.34 -3.16
CA THR A 47 11.13 5.13 -4.34
C THR A 47 10.59 6.55 -4.27
N LYS A 48 9.49 6.78 -3.60
CA LYS A 48 9.02 8.15 -3.39
C LYS A 48 9.65 8.80 -2.18
N ARG A 49 10.43 8.04 -1.40
CA ARG A 49 11.18 8.56 -0.25
C ARG A 49 10.23 9.25 0.72
N LEU A 50 9.18 8.53 1.09
CA LEU A 50 8.14 9.10 1.93
C LEU A 50 8.46 9.02 3.42
N TYR A 51 9.45 8.22 3.81
CA TYR A 51 9.71 7.91 5.21
C TYR A 51 10.47 9.07 5.88
N ASP A 52 10.24 9.23 7.18
CA ASP A 52 11.02 10.20 7.94
C ASP A 52 12.49 9.80 7.88
N GLU A 53 13.37 10.78 7.64
CA GLU A 53 14.78 10.44 7.44
C GLU A 53 15.45 9.97 8.71
N LYS A 54 14.95 10.40 9.87
CA LYS A 54 15.51 10.03 11.17
C LYS A 54 14.81 8.83 11.82
N GLN A 55 13.49 8.77 11.74
CA GLN A 55 12.68 7.69 12.30
C GLN A 55 12.06 6.98 11.11
N GLN A 56 12.83 6.09 10.50
CA GLN A 56 12.51 5.67 9.14
C GLN A 56 11.33 4.70 9.06
N HIS A 57 10.79 4.27 10.20
CA HIS A 57 9.55 3.51 10.20
C HIS A 57 8.32 4.38 10.00
N ILE A 58 8.45 5.70 10.15
N ILE A 58 8.46 5.70 10.17
CA ILE A 58 7.34 6.62 9.96
CA ILE A 58 7.36 6.63 9.95
C ILE A 58 7.23 6.99 8.49
C ILE A 58 7.25 6.93 8.47
N VAL A 59 6.05 6.82 7.92
CA VAL A 59 5.78 7.08 6.51
C VAL A 59 4.85 8.28 6.45
N TYR A 60 5.28 9.35 5.76
CA TYR A 60 4.43 10.50 5.54
C TYR A 60 3.60 10.31 4.28
N CYS A 61 2.33 10.68 4.33
CA CYS A 61 1.50 10.47 3.15
C CYS A 61 0.49 11.56 2.91
N SER A 62 0.59 12.70 3.58
CA SER A 62 -0.31 13.81 3.31
CA SER A 62 -0.33 13.79 3.31
C SER A 62 -0.17 14.28 1.88
N ASN A 63 -1.30 14.49 1.22
CA ASN A 63 -1.37 14.99 -0.14
C ASN A 63 -0.82 14.02 -1.16
N ASP A 64 -0.60 12.77 -0.78
CA ASP A 64 -0.19 11.69 -1.66
C ASP A 64 -1.34 10.70 -1.85
N LEU A 65 -1.30 9.91 -2.95
CA LEU A 65 -2.28 8.83 -3.10
C LEU A 65 -2.38 8.01 -1.82
N LEU A 66 -1.25 7.74 -1.18
CA LEU A 66 -1.26 6.86 -0.03
C LEU A 66 -2.04 7.47 1.11
N GLY A 67 -2.09 8.78 1.18
CA GLY A 67 -2.88 9.43 2.21
C GLY A 67 -4.36 9.23 1.99
N ASP A 68 -4.81 9.18 0.74
CA ASP A 68 -6.21 8.88 0.49
C ASP A 68 -6.53 7.41 0.76
N LEU A 69 -5.56 6.52 0.59
CA LEU A 69 -5.79 5.12 0.96
C LEU A 69 -5.91 4.95 2.46
N PHE A 70 -5.00 5.55 3.24
CA PHE A 70 -5.06 5.44 4.70
C PHE A 70 -6.02 6.43 5.36
N GLY A 71 -6.29 7.58 4.75
CA GLY A 71 -7.14 8.58 5.37
C GLY A 71 -6.52 9.31 6.53
N VAL A 72 -5.21 9.22 6.67
CA VAL A 72 -4.44 9.90 7.72
C VAL A 72 -3.14 10.39 7.12
N PRO A 73 -2.46 11.33 7.79
CA PRO A 73 -1.29 11.96 7.18
C PRO A 73 0.02 11.23 7.37
N SER A 74 0.04 10.21 8.22
CA SER A 74 1.23 9.38 8.40
C SER A 74 0.85 8.09 9.08
N PHE A 75 1.73 7.10 8.96
CA PHE A 75 1.57 5.85 9.69
C PHE A 75 2.96 5.25 9.89
N SER A 76 3.08 4.33 10.82
CA SER A 76 4.32 3.59 11.00
C SER A 76 4.19 2.20 10.40
N VAL A 77 5.28 1.74 9.78
CA VAL A 77 5.28 0.38 9.23
C VAL A 77 5.22 -0.67 10.33
N LYS A 78 5.37 -0.28 11.60
CA LYS A 78 5.16 -1.17 12.73
C LYS A 78 3.68 -1.42 12.99
N GLU A 79 2.80 -0.64 12.36
CA GLU A 79 1.37 -0.71 12.65
C GLU A 79 0.73 -1.72 11.71
N HIS A 80 0.99 -3.00 11.98
CA HIS A 80 0.54 -4.00 11.01
C HIS A 80 -0.98 -4.07 10.92
N ARG A 81 -1.70 -3.86 12.01
CA ARG A 81 -3.16 -3.95 11.89
C ARG A 81 -3.72 -2.80 11.08
N LYS A 82 -3.16 -1.59 11.24
CA LYS A 82 -3.59 -0.47 10.43
C LYS A 82 -3.32 -0.73 8.96
N ILE A 83 -2.17 -1.33 8.66
CA ILE A 83 -1.84 -1.66 7.27
C ILE A 83 -2.77 -2.76 6.75
N TYR A 84 -2.96 -3.82 7.52
CA TYR A 84 -3.92 -4.88 7.20
C TYR A 84 -5.27 -4.27 6.86
N THR A 85 -5.75 -3.36 7.71
CA THR A 85 -7.08 -2.81 7.52
C THR A 85 -7.16 -2.02 6.22
N MET A 86 -6.15 -1.23 5.92
CA MET A 86 -6.14 -0.48 4.67
C MET A 86 -6.14 -1.41 3.47
N ILE A 87 -5.28 -2.42 3.49
N ILE A 87 -5.19 -2.34 3.38
CA ILE A 87 -5.15 -3.27 2.34
CA ILE A 87 -5.09 -3.06 2.11
C ILE A 87 -6.42 -4.07 2.13
C ILE A 87 -6.35 -3.89 1.87
N TYR A 88 -6.97 -4.62 3.22
N TYR A 88 -6.90 -4.48 2.94
CA TYR A 88 -8.17 -5.45 3.16
CA TYR A 88 -8.05 -5.37 2.77
C TYR A 88 -9.34 -4.68 2.57
C TYR A 88 -9.32 -4.62 2.43
N ARG A 89 -9.48 -3.40 2.94
CA ARG A 89 -10.59 -2.59 2.47
C ARG A 89 -10.44 -2.22 1.02
N ASN A 90 -9.24 -2.40 0.46
CA ASN A 90 -8.92 -1.94 -0.87
C ASN A 90 -8.62 -3.08 -1.83
N LEU A 91 -9.11 -4.27 -1.50
CA LEU A 91 -9.02 -5.37 -2.43
C LEU A 91 -10.20 -6.32 -2.26
N VAL A 92 -10.33 -7.23 -3.23
CA VAL A 92 -11.26 -8.35 -3.18
CA VAL A 92 -11.25 -8.35 -3.16
C VAL A 92 -10.43 -9.63 -3.20
N VAL A 93 -10.77 -10.57 -2.31
CA VAL A 93 -10.07 -11.85 -2.23
C VAL A 93 -10.74 -12.76 -3.23
N VAL A 94 -9.96 -13.43 -4.08
CA VAL A 94 -10.56 -14.22 -5.15
C VAL A 94 -10.36 -15.73 -4.99
N ASN A 95 -9.89 -16.19 -3.84
CA ASN A 95 -9.82 -17.64 -3.66
C ASN A 95 -9.84 -18.11 -2.20
#